data_2HZI
#
_entry.id   2HZI
#
_cell.length_a   106.475
_cell.length_b   131.533
_cell.length_c   56.459
_cell.angle_alpha   90.00
_cell.angle_beta   90.00
_cell.angle_gamma   90.00
#
_symmetry.space_group_name_H-M   'P 21 21 2'
#
loop_
_entity.id
_entity.type
_entity.pdbx_description
1 polymer 'Proto-oncogene tyrosine-protein kinase ABL1'
2 non-polymer 6-(2,6-DICHLOROPHENYL)-2-[(4-FLUORO-3-METHYLPHENYL)AMINO]-8-METHYLPYRIDO[2,3-D]PYRIMIDIN-7(8H)-ONE
3 water water
#
_entity_poly.entity_id   1
_entity_poly.type   'polypeptide(L)'
_entity_poly.pdbx_seq_one_letter_code
;GAMDPSPNYDKWEMERTDITMKHKLGGGQYGEVYEGVWKKYSLTVAVKTLKEDTMEVEEFLKEAAVMKEIKHPNLVQLLG
VCTREPPFYIITEFMTYGNLLDYLRECNRQEVNAVVLLYMATQISSAMEYLEKKNFIHRDLAARNCLVGENHLVKVADFG
LSRLMTGDTYTAHAGAKFPIKWTAPESLAYNKFSIKSDVWAFGVLLWEIATYGMSPYPGIDLSQVYELLEKDYRMERPEG
CPEKVYELMRACWQWNPSDRPSFAEIHQAFETMFQES
;
_entity_poly.pdbx_strand_id   A,B
#
loop_
_chem_comp.id
_chem_comp.type
_chem_comp.name
_chem_comp.formula
JIN non-polymer 6-(2,6-DICHLOROPHENYL)-2-[(4-FLUORO-3-METHYLPHENYL)AMINO]-8-METHYLPYRIDO[2,3-D]PYRIMIDIN-7(8H)-ONE 'C21 H15 Cl2 F N4 O'
#
# COMPACT_ATOMS: atom_id res chain seq x y z
N ASP A 10 -20.41 -8.38 5.27
CA ASP A 10 -20.60 -8.96 6.62
C ASP A 10 -21.29 -8.00 7.57
N LYS A 11 -21.51 -8.47 8.78
CA LYS A 11 -21.99 -7.72 9.94
C LYS A 11 -21.42 -6.32 10.13
N TRP A 12 -20.23 -6.06 9.63
CA TRP A 12 -19.65 -4.74 9.81
C TRP A 12 -20.13 -3.68 8.82
N GLU A 13 -20.68 -4.12 7.69
CA GLU A 13 -21.07 -3.18 6.67
C GLU A 13 -22.27 -2.36 7.10
N MET A 14 -22.17 -1.05 6.92
CA MET A 14 -23.30 -0.18 7.20
C MET A 14 -23.51 0.85 6.13
N GLU A 15 -24.67 1.50 6.16
CA GLU A 15 -24.98 2.55 5.22
C GLU A 15 -24.24 3.84 5.56
N ARG A 16 -23.65 4.44 4.55
CA ARG A 16 -22.92 5.68 4.73
C ARG A 16 -23.81 6.75 5.34
N THR A 17 -25.08 6.72 4.95
CA THR A 17 -26.00 7.77 5.38
C THR A 17 -26.36 7.68 6.87
N ASP A 18 -25.94 6.61 7.53
CA ASP A 18 -26.13 6.45 8.97
C ASP A 18 -25.27 7.49 9.71
N ILE A 19 -24.22 7.96 9.05
CA ILE A 19 -23.25 8.88 9.67
C ILE A 19 -23.32 10.26 9.09
N THR A 20 -23.21 11.28 9.95
CA THR A 20 -23.08 12.65 9.49
C THR A 20 -21.66 13.09 9.81
N MET A 21 -20.94 13.56 8.81
CA MET A 21 -19.57 13.99 9.01
C MET A 21 -19.53 15.38 9.60
N LYS A 22 -18.61 15.58 10.54
CA LYS A 22 -18.43 16.89 11.16
C LYS A 22 -17.06 17.40 10.69
N HIS A 23 -16.14 17.71 11.55
CA HIS A 23 -14.94 18.34 11.03
C HIS A 23 -13.74 17.43 11.12
N LYS A 24 -12.68 17.77 10.40
CA LYS A 24 -11.41 17.04 10.43
C LYS A 24 -10.83 16.95 11.85
N LEU A 25 -10.18 15.82 12.15
CA LEU A 25 -9.49 15.66 13.41
C LEU A 25 -7.99 15.63 13.22
N GLY A 26 -7.26 16.23 14.15
CA GLY A 26 -5.80 16.15 14.17
C GLY A 26 -4.99 16.98 13.20
N GLY A 27 -5.64 17.84 12.41
CA GLY A 27 -4.94 18.71 11.48
C GLY A 27 -4.23 17.98 10.36
N GLY A 28 -4.80 16.86 9.91
CA GLY A 28 -4.19 16.09 8.85
C GLY A 28 -3.18 15.04 9.23
N GLN A 29 -2.66 15.07 10.48
CA GLN A 29 -1.62 14.15 10.86
C GLN A 29 -2.02 12.70 10.75
N TYR A 30 -3.34 12.41 10.79
CA TYR A 30 -3.80 11.06 10.74
C TYR A 30 -4.48 10.76 9.38
N GLY A 31 -4.34 11.68 8.47
CA GLY A 31 -4.96 11.53 7.16
C GLY A 31 -6.40 12.04 7.20
N GLU A 32 -7.25 11.41 6.39
CA GLU A 32 -8.59 11.93 6.21
C GLU A 32 -9.51 11.39 7.26
N VAL A 33 -9.35 11.89 8.48
CA VAL A 33 -10.14 11.45 9.61
C VAL A 33 -11.01 12.60 10.10
N TYR A 34 -12.27 12.29 10.33
CA TYR A 34 -13.28 13.23 10.77
C TYR A 34 -14.01 12.82 12.02
N GLU A 35 -14.46 13.80 12.79
CA GLU A 35 -15.41 13.51 13.82
C GLU A 35 -16.76 13.37 13.10
N GLY A 36 -17.58 12.46 13.55
CA GLY A 36 -18.92 12.33 12.99
C GLY A 36 -19.94 11.96 14.03
N VAL A 37 -21.23 11.93 13.62
CA VAL A 37 -22.31 11.50 14.50
C VAL A 37 -23.03 10.32 13.88
N TRP A 38 -23.18 9.24 14.63
CA TRP A 38 -23.94 8.09 14.19
C TRP A 38 -25.36 8.43 14.72
N LYS A 39 -26.20 8.94 13.82
CA LYS A 39 -27.49 9.55 14.20
C LYS A 39 -28.39 8.69 15.02
N LYS A 40 -28.58 7.44 14.59
CA LYS A 40 -29.42 6.50 15.32
C LYS A 40 -29.15 6.44 16.80
N TYR A 41 -27.86 6.52 17.17
CA TYR A 41 -27.45 6.40 18.56
C TYR A 41 -27.05 7.71 19.24
N SER A 42 -27.12 8.83 18.52
CA SER A 42 -26.66 10.11 19.03
C SER A 42 -25.28 9.94 19.57
N LEU A 43 -24.48 9.23 18.79
CA LEU A 43 -23.12 8.84 19.24
C LEU A 43 -22.04 9.48 18.39
N THR A 44 -21.07 10.16 19.04
CA THR A 44 -19.95 10.70 18.30
C THR A 44 -19.00 9.56 17.95
N VAL A 45 -18.56 9.57 16.72
CA VAL A 45 -17.65 8.54 16.24
C VAL A 45 -16.52 9.20 15.50
N ALA A 46 -15.46 8.42 15.18
CA ALA A 46 -14.44 8.91 14.27
C ALA A 46 -14.61 8.18 12.95
N VAL A 47 -14.38 8.86 11.86
CA VAL A 47 -14.52 8.30 10.54
C VAL A 47 -13.34 8.62 9.65
N LYS A 48 -12.75 7.57 9.07
CA LYS A 48 -11.65 7.82 8.16
C LYS A 48 -12.20 7.59 6.77
N THR A 49 -11.82 8.38 5.80
CA THR A 49 -12.30 8.12 4.46
C THR A 49 -11.15 8.29 3.50
N LEU A 50 -11.44 8.19 2.21
CA LEU A 50 -10.43 8.34 1.20
C LEU A 50 -11.02 9.12 0.03
N LYS A 51 -10.75 10.41 0.01
CA LYS A 51 -11.24 11.31 -1.05
C LYS A 51 -10.14 12.20 -1.59
N GLU A 52 -9.00 12.24 -0.91
CA GLU A 52 -7.90 13.12 -1.29
C GLU A 52 -6.62 12.37 -1.67
N ASP A 53 -6.78 11.11 -2.08
CA ASP A 53 -5.65 10.26 -2.50
C ASP A 53 -4.54 10.20 -1.45
N THR A 54 -4.92 10.02 -0.18
CA THR A 54 -3.93 9.94 0.91
C THR A 54 -3.36 8.55 1.11
N MET A 55 -4.06 7.54 0.58
CA MET A 55 -3.54 6.19 0.55
C MET A 55 -4.14 5.54 -0.68
N GLU A 56 -3.60 4.38 -1.04
CA GLU A 56 -4.17 3.67 -2.16
C GLU A 56 -5.45 2.94 -1.71
N VAL A 57 -6.36 2.71 -2.64
CA VAL A 57 -7.62 2.06 -2.33
C VAL A 57 -7.45 0.69 -1.67
N GLU A 58 -6.60 -0.17 -2.24
CA GLU A 58 -6.52 -1.51 -1.68
C GLU A 58 -5.83 -1.47 -0.28
N GLU A 59 -4.96 -0.49 -0.06
CA GLU A 59 -4.36 -0.33 1.26
C GLU A 59 -5.43 0.07 2.30
N PHE A 60 -6.33 0.96 1.91
CA PHE A 60 -7.43 1.41 2.77
C PHE A 60 -8.37 0.29 3.08
N LEU A 61 -8.79 -0.45 2.06
CA LEU A 61 -9.66 -1.56 2.27
C LEU A 61 -9.02 -2.66 3.13
N LYS A 62 -7.70 -2.87 3.02
CA LYS A 62 -7.05 -3.83 3.88
C LYS A 62 -6.99 -3.34 5.35
N GLU A 63 -6.80 -2.04 5.52
CA GLU A 63 -6.82 -1.49 6.88
C GLU A 63 -8.14 -1.83 7.54
N ALA A 64 -9.21 -1.65 6.81
CA ALA A 64 -10.56 -1.95 7.28
C ALA A 64 -10.70 -3.41 7.60
N ALA A 65 -10.19 -4.29 6.74
CA ALA A 65 -10.23 -5.71 7.03
C ALA A 65 -9.51 -6.09 8.32
N VAL A 66 -8.32 -5.55 8.51
CA VAL A 66 -7.53 -5.85 9.67
C VAL A 66 -8.22 -5.38 10.93
N MET A 67 -8.83 -4.20 10.87
CA MET A 67 -9.50 -3.62 12.06
C MET A 67 -10.61 -4.56 12.57
N LYS A 68 -11.26 -5.29 11.66
CA LYS A 68 -12.32 -6.18 12.03
C LYS A 68 -11.87 -7.28 12.98
N GLU A 69 -10.57 -7.58 12.94
CA GLU A 69 -9.96 -8.65 13.73
C GLU A 69 -9.45 -8.20 15.08
N ILE A 70 -9.37 -6.90 15.26
CA ILE A 70 -8.80 -6.35 16.48
C ILE A 70 -9.88 -6.09 17.50
N LYS A 71 -9.72 -6.68 18.68
CA LYS A 71 -10.68 -6.51 19.80
C LYS A 71 -9.91 -6.54 21.12
N HIS A 72 -9.65 -5.35 21.70
CA HIS A 72 -8.90 -5.22 22.91
C HIS A 72 -9.29 -3.88 23.52
N PRO A 73 -9.38 -3.81 24.85
CA PRO A 73 -9.80 -2.57 25.51
C PRO A 73 -8.89 -1.38 25.28
N ASN A 74 -7.64 -1.62 24.88
CA ASN A 74 -6.72 -0.50 24.66
C ASN A 74 -6.23 -0.36 23.22
N LEU A 75 -7.04 -0.88 22.28
CA LEU A 75 -6.85 -0.60 20.85
C LEU A 75 -8.15 0.03 20.34
N VAL A 76 -8.04 1.08 19.55
CA VAL A 76 -9.24 1.77 19.07
C VAL A 76 -10.18 0.75 18.39
N GLN A 77 -11.43 0.76 18.79
CA GLN A 77 -12.38 -0.28 18.33
C GLN A 77 -13.19 0.14 17.11
N LEU A 78 -13.13 -0.70 16.06
CA LEU A 78 -13.98 -0.58 14.89
C LEU A 78 -15.45 -0.70 15.25
N LEU A 79 -16.26 0.15 14.63
CA LEU A 79 -17.73 0.11 14.81
C LEU A 79 -18.42 -0.34 13.54
N GLY A 80 -17.83 0.00 12.41
CA GLY A 80 -18.40 -0.36 11.12
C GLY A 80 -17.59 0.17 9.96
N VAL A 81 -17.99 -0.25 8.75
CA VAL A 81 -17.29 0.13 7.55
C VAL A 81 -18.27 0.32 6.42
N CYS A 82 -17.88 1.13 5.45
CA CYS A 82 -18.68 1.29 4.23
C CYS A 82 -17.69 0.97 3.12
N THR A 83 -17.82 -0.22 2.52
CA THR A 83 -16.81 -0.69 1.58
C THR A 83 -17.37 -1.23 0.29
N ARG A 84 -18.63 -0.91 0.01
CA ARG A 84 -19.26 -1.38 -1.23
C ARG A 84 -18.91 -0.51 -2.42
N GLU A 85 -19.09 0.80 -2.27
CA GLU A 85 -18.75 1.74 -3.30
C GLU A 85 -18.17 2.95 -2.59
N PRO A 86 -17.32 3.69 -3.30
CA PRO A 86 -16.71 4.90 -2.77
C PRO A 86 -17.73 6.01 -2.58
N PRO A 87 -17.49 6.96 -1.66
CA PRO A 87 -16.29 6.95 -0.79
C PRO A 87 -16.38 5.93 0.33
N PHE A 88 -15.26 5.27 0.56
CA PHE A 88 -15.21 4.24 1.56
C PHE A 88 -15.00 4.91 2.93
N TYR A 89 -15.55 4.31 3.96
CA TYR A 89 -15.44 4.74 5.34
C TYR A 89 -15.00 3.62 6.27
N ILE A 90 -14.23 4.01 7.28
CA ILE A 90 -13.92 3.19 8.40
C ILE A 90 -14.43 3.98 9.60
N ILE A 91 -15.35 3.41 10.34
CA ILE A 91 -15.97 4.06 11.50
C ILE A 91 -15.55 3.43 12.80
N THR A 92 -14.99 4.23 13.72
CA THR A 92 -14.53 3.73 14.99
C THR A 92 -15.07 4.55 16.15
N GLU A 93 -14.83 4.07 17.35
CA GLU A 93 -15.14 4.82 18.55
C GLU A 93 -14.35 6.12 18.51
N PHE A 94 -14.87 7.13 19.20
CA PHE A 94 -14.23 8.44 19.28
C PHE A 94 -13.55 8.57 20.62
N MET A 95 -12.29 8.93 20.57
CA MET A 95 -11.56 9.20 21.79
C MET A 95 -11.61 10.72 22.03
N THR A 96 -12.15 11.15 23.17
CA THR A 96 -12.53 12.52 23.37
C THR A 96 -11.43 13.53 23.50
N TYR A 97 -10.27 13.16 24.05
N TYR A 97 -10.27 13.12 23.97
CA TYR A 97 -9.24 14.18 24.29
CA TYR A 97 -9.26 14.07 24.34
C TYR A 97 -8.38 14.51 23.09
C TYR A 97 -8.22 14.44 23.21
N GLY A 98 -7.99 13.48 22.35
CA GLY A 98 -7.02 13.64 21.29
C GLY A 98 -5.81 12.78 21.66
N ASN A 99 -4.60 13.17 21.24
CA ASN A 99 -3.44 12.27 21.38
C ASN A 99 -2.71 12.45 22.72
N LEU A 100 -1.95 11.42 23.09
CA LEU A 100 -1.26 11.39 24.39
C LEU A 100 -0.13 12.41 24.49
N LEU A 101 0.47 12.76 23.36
CA LEU A 101 1.55 13.73 23.38
C LEU A 101 0.97 15.07 23.85
N ASP A 102 -0.11 15.52 23.21
CA ASP A 102 -0.73 16.78 23.62
C ASP A 102 -1.29 16.67 25.05
N TYR A 103 -1.86 15.53 25.38
CA TYR A 103 -2.41 15.30 26.71
C TYR A 103 -1.36 15.50 27.77
N LEU A 104 -0.22 14.84 27.64
CA LEU A 104 0.89 14.98 28.59
C LEU A 104 1.37 16.42 28.67
N ARG A 105 1.54 17.08 27.53
CA ARG A 105 2.01 18.45 27.52
C ARG A 105 1.11 19.45 28.20
N GLU A 106 -0.19 19.25 28.07
CA GLU A 106 -1.17 20.23 28.55
C GLU A 106 -1.81 19.91 29.90
N CYS A 107 -1.47 18.76 30.50
CA CYS A 107 -2.17 18.25 31.65
C CYS A 107 -1.86 18.96 32.92
N ASN A 108 -2.70 18.76 33.91
CA ASN A 108 -2.44 19.20 35.29
C ASN A 108 -1.69 18.03 35.92
N ARG A 109 -0.39 18.20 36.17
CA ARG A 109 0.42 17.09 36.69
C ARG A 109 0.05 16.57 38.09
N GLN A 110 -0.67 17.38 38.88
CA GLN A 110 -1.17 16.89 40.14
C GLN A 110 -2.23 15.82 39.90
N GLU A 111 -2.94 15.90 38.78
CA GLU A 111 -3.94 14.89 38.38
C GLU A 111 -3.25 13.75 37.64
N VAL A 112 -2.46 14.12 36.64
CA VAL A 112 -1.69 13.11 35.84
C VAL A 112 -0.36 12.92 36.55
N ASN A 113 -0.40 12.17 37.65
CA ASN A 113 0.74 12.02 38.53
C ASN A 113 1.44 10.69 38.30
N ALA A 114 2.38 10.36 39.18
CA ALA A 114 3.20 9.16 38.96
C ALA A 114 2.38 7.89 38.77
N VAL A 115 1.31 7.73 39.57
CA VAL A 115 0.45 6.56 39.46
C VAL A 115 -0.19 6.51 38.06
N VAL A 116 -0.65 7.66 37.59
CA VAL A 116 -1.29 7.76 36.29
C VAL A 116 -0.29 7.44 35.18
N LEU A 117 0.96 7.87 35.30
CA LEU A 117 1.95 7.50 34.24
C LEU A 117 2.14 5.97 34.16
N LEU A 118 2.13 5.29 35.31
CA LEU A 118 2.24 3.82 35.31
C LEU A 118 0.98 3.22 34.69
N TYR A 119 -0.18 3.78 35.04
CA TYR A 119 -1.47 3.35 34.47
C TYR A 119 -1.42 3.43 32.92
N MET A 120 -0.94 4.55 32.43
CA MET A 120 -0.82 4.76 30.99
C MET A 120 0.09 3.73 30.33
N ALA A 121 1.26 3.51 30.93
CA ALA A 121 2.21 2.55 30.43
C ALA A 121 1.66 1.13 30.47
N THR A 122 0.91 0.82 31.52
CA THR A 122 0.28 -0.50 31.61
C THR A 122 -0.77 -0.70 30.49
N GLN A 123 -1.55 0.32 30.21
CA GLN A 123 -2.56 0.21 29.18
C GLN A 123 -1.96 0.01 27.79
N ILE A 124 -0.93 0.78 27.48
CA ILE A 124 -0.30 0.71 26.16
C ILE A 124 0.41 -0.66 26.00
N SER A 125 1.11 -1.11 27.03
CA SER A 125 1.79 -2.41 26.98
C SER A 125 0.78 -3.55 26.85
N SER A 126 -0.41 -3.37 27.41
CA SER A 126 -1.45 -4.40 27.29
C SER A 126 -1.85 -4.53 25.80
N ALA A 127 -2.08 -3.40 25.15
CA ALA A 127 -2.39 -3.39 23.73
C ALA A 127 -1.29 -4.04 22.91
N MET A 128 -0.05 -3.71 23.24
CA MET A 128 1.07 -4.25 22.48
C MET A 128 1.30 -5.74 22.71
N GLU A 129 1.02 -6.19 23.91
CA GLU A 129 1.06 -7.64 24.22
C GLU A 129 0.01 -8.37 23.37
N TYR A 130 -1.14 -7.75 23.16
CA TYR A 130 -2.19 -8.35 22.31
C TYR A 130 -1.74 -8.43 20.86
N LEU A 131 -1.15 -7.34 20.35
CA LEU A 131 -0.64 -7.36 18.97
C LEU A 131 0.49 -8.40 18.79
N GLU A 132 1.33 -8.54 19.81
CA GLU A 132 2.41 -9.51 19.80
C GLU A 132 1.84 -10.93 19.68
N LYS A 133 0.86 -11.20 20.52
CA LYS A 133 0.20 -12.52 20.55
C LYS A 133 -0.50 -12.81 19.22
N LYS A 134 -1.08 -11.79 18.61
CA LYS A 134 -1.88 -11.94 17.40
C LYS A 134 -1.11 -11.79 16.10
N ASN A 135 0.23 -11.75 16.18
CA ASN A 135 1.06 -11.67 14.96
C ASN A 135 0.80 -10.45 14.10
N PHE A 136 0.79 -9.28 14.76
CA PHE A 136 0.74 -8.01 14.09
C PHE A 136 1.90 -7.16 14.59
N ILE A 137 2.35 -6.25 13.76
CA ILE A 137 3.28 -5.19 14.18
C ILE A 137 2.64 -3.87 13.87
N HIS A 138 3.10 -2.82 14.59
CA HIS A 138 2.52 -1.51 14.50
C HIS A 138 3.31 -0.55 13.62
N ARG A 139 4.62 -0.46 13.86
CA ARG A 139 5.57 0.36 13.10
C ARG A 139 5.57 1.85 13.29
N ASP A 140 4.63 2.37 14.08
CA ASP A 140 4.68 3.78 14.39
C ASP A 140 4.21 4.08 15.80
N LEU A 141 4.68 3.30 16.75
CA LEU A 141 4.32 3.52 18.13
C LEU A 141 5.03 4.80 18.66
N ALA A 142 4.25 5.71 19.22
CA ALA A 142 4.69 7.00 19.72
C ALA A 142 3.54 7.66 20.42
N ALA A 143 3.81 8.65 21.26
CA ALA A 143 2.72 9.28 21.99
C ALA A 143 1.69 9.94 21.09
N ARG A 144 2.13 10.50 19.96
CA ARG A 144 1.23 11.10 19.00
C ARG A 144 0.25 10.06 18.40
N ASN A 145 0.57 8.80 18.50
CA ASN A 145 -0.30 7.72 18.01
C ASN A 145 -1.03 6.90 19.06
N CYS A 146 -1.07 7.42 20.29
CA CYS A 146 -1.89 6.90 21.36
C CYS A 146 -2.98 7.96 21.60
N LEU A 147 -4.20 7.53 21.80
CA LEU A 147 -5.36 8.42 21.93
C LEU A 147 -5.93 8.29 23.34
N VAL A 148 -6.48 9.37 23.88
CA VAL A 148 -6.86 9.45 25.26
C VAL A 148 -8.34 9.82 25.41
N GLY A 149 -8.99 9.19 26.37
CA GLY A 149 -10.38 9.46 26.71
C GLY A 149 -10.47 9.92 28.14
N GLU A 150 -11.67 9.96 28.69
CA GLU A 150 -11.83 10.33 30.08
C GLU A 150 -11.11 9.40 31.05
N ASN A 151 -10.71 9.96 32.19
CA ASN A 151 -10.13 9.19 33.27
C ASN A 151 -8.85 8.48 32.87
N HIS A 152 -8.09 9.13 32.00
CA HIS A 152 -6.77 8.67 31.59
C HIS A 152 -6.82 7.31 30.85
N LEU A 153 -7.96 6.98 30.26
CA LEU A 153 -8.06 5.84 29.36
C LEU A 153 -7.21 6.10 28.10
N VAL A 154 -6.32 5.17 27.76
CA VAL A 154 -5.44 5.33 26.62
C VAL A 154 -5.61 4.16 25.70
N LYS A 155 -5.69 4.43 24.39
CA LYS A 155 -5.81 3.38 23.39
C LYS A 155 -4.79 3.66 22.32
N VAL A 156 -4.11 2.61 21.87
CA VAL A 156 -3.17 2.70 20.79
C VAL A 156 -3.97 2.76 19.46
N ALA A 157 -3.63 3.71 18.63
CA ALA A 157 -4.21 3.82 17.31
C ALA A 157 -3.80 2.62 16.49
N ASP A 158 -4.77 2.06 15.76
CA ASP A 158 -4.54 0.82 15.03
C ASP A 158 -4.66 0.91 13.53
N PHE A 159 -4.50 2.12 13.03
CA PHE A 159 -4.24 2.27 11.63
C PHE A 159 -2.85 1.69 11.38
N GLY A 160 -2.58 1.28 10.14
CA GLY A 160 -1.26 0.88 9.73
C GLY A 160 -0.73 -0.44 10.19
N LEU A 161 -1.49 -1.23 10.92
CA LEU A 161 -0.99 -2.52 11.39
C LEU A 161 -0.63 -3.44 10.21
N SER A 162 0.40 -4.26 10.39
CA SER A 162 0.86 -5.21 9.37
C SER A 162 0.81 -6.61 9.96
N ARG A 163 0.45 -7.59 9.16
CA ARG A 163 0.49 -8.95 9.63
C ARG A 163 1.92 -9.46 9.49
N LEU A 164 2.40 -10.06 10.55
CA LEU A 164 3.77 -10.58 10.64
C LEU A 164 3.86 -11.61 11.75
N MET A 165 4.19 -12.83 11.37
CA MET A 165 4.32 -13.88 12.37
C MET A 165 5.37 -13.44 13.36
N THR A 166 5.09 -13.71 14.63
N THR A 166 4.93 -13.45 14.62
CA THR A 166 5.89 -13.15 15.72
CA THR A 166 5.73 -13.01 15.72
C THR A 166 7.39 -13.28 15.66
C THR A 166 6.98 -13.82 15.60
N GLY A 167 7.92 -14.29 14.99
N GLY A 167 8.08 -13.16 15.30
CA GLY A 167 9.37 -14.32 14.90
CA GLY A 167 9.33 -13.87 15.05
C GLY A 167 9.97 -13.85 13.57
C GLY A 167 9.98 -13.47 13.72
N ASP A 168 9.16 -13.31 12.69
CA ASP A 168 9.66 -12.87 11.39
C ASP A 168 10.00 -11.39 11.29
N THR A 169 10.49 -11.00 10.11
CA THR A 169 10.86 -9.60 9.85
C THR A 169 10.14 -9.03 8.65
N TYR A 170 9.75 -7.77 8.75
CA TYR A 170 9.12 -7.00 7.69
C TYR A 170 10.19 -6.07 7.14
N THR A 171 10.32 -5.99 5.82
CA THR A 171 11.22 -5.04 5.20
C THR A 171 10.45 -3.98 4.47
N ALA A 172 10.64 -2.76 4.93
CA ALA A 172 9.94 -1.60 4.39
C ALA A 172 10.44 -1.27 3.02
N HIS A 173 9.57 -0.59 2.29
CA HIS A 173 9.86 -0.24 0.93
C HIS A 173 11.08 0.65 0.81
N ALA A 174 11.73 0.44 -0.30
CA ALA A 174 12.86 1.21 -0.68
C ALA A 174 12.36 2.65 -0.73
N GLY A 175 13.13 3.54 -0.13
CA GLY A 175 12.80 4.94 -0.12
C GLY A 175 11.90 5.39 1.03
N ALA A 176 11.47 4.47 1.86
CA ALA A 176 10.60 4.86 2.97
C ALA A 176 11.35 5.79 3.91
N LYS A 177 10.61 6.77 4.43
CA LYS A 177 11.10 7.75 5.42
C LYS A 177 10.46 7.42 6.78
N PHE A 178 11.27 7.36 7.83
CA PHE A 178 10.79 7.01 9.18
C PHE A 178 10.93 8.14 10.18
N PRO A 179 10.19 8.03 11.31
CA PRO A 179 10.30 8.95 12.47
C PRO A 179 11.52 8.51 13.24
N ILE A 180 12.62 9.10 12.82
CA ILE A 180 13.93 8.65 13.17
C ILE A 180 14.11 8.40 14.67
N LYS A 181 13.63 9.33 15.48
CA LYS A 181 13.89 9.28 16.91
C LYS A 181 13.15 8.16 17.64
N TRP A 182 12.20 7.50 16.96
CA TRP A 182 11.48 6.37 17.49
C TRP A 182 11.87 5.04 16.81
N THR A 183 12.81 5.09 15.89
CA THR A 183 13.09 3.95 14.99
C THR A 183 14.28 3.14 15.44
N ALA A 184 14.11 1.84 15.57
CA ALA A 184 15.18 0.94 15.97
C ALA A 184 16.34 0.97 14.98
N PRO A 185 17.53 0.69 15.45
CA PRO A 185 18.71 0.71 14.58
C PRO A 185 18.60 -0.20 13.37
N GLU A 186 18.06 -1.41 13.54
CA GLU A 186 17.95 -2.31 12.37
C GLU A 186 16.97 -1.76 11.29
N SER A 187 15.99 -0.96 11.73
CA SER A 187 15.06 -0.31 10.83
C SER A 187 15.73 0.84 10.12
N LEU A 188 16.48 1.62 10.88
CA LEU A 188 17.20 2.72 10.27
C LEU A 188 18.22 2.27 9.23
N ALA A 189 18.95 1.23 9.55
CA ALA A 189 20.07 0.78 8.69
C ALA A 189 19.66 -0.15 7.56
N TYR A 190 18.66 -0.97 7.81
CA TYR A 190 18.29 -2.07 6.91
C TYR A 190 16.82 -2.16 6.56
N ASN A 191 16.03 -1.18 7.00
CA ASN A 191 14.59 -1.15 6.77
C ASN A 191 13.86 -2.37 7.37
N LYS A 192 14.48 -3.01 8.36
CA LYS A 192 13.93 -4.19 9.03
C LYS A 192 13.09 -3.83 10.25
N PHE A 193 11.87 -4.36 10.28
CA PHE A 193 10.94 -4.16 11.39
C PHE A 193 10.40 -5.47 11.89
N SER A 194 10.12 -5.50 13.17
CA SER A 194 9.61 -6.68 13.81
C SER A 194 8.89 -6.26 15.09
N ILE A 195 8.30 -7.18 15.82
CA ILE A 195 7.71 -6.81 17.10
C ILE A 195 8.78 -6.20 18.02
N LYS A 196 10.04 -6.59 17.82
CA LYS A 196 11.13 -6.07 18.61
C LYS A 196 11.46 -4.61 18.27
N SER A 197 11.19 -4.15 17.05
CA SER A 197 11.38 -2.73 16.72
C SER A 197 10.21 -1.96 17.34
N ASP A 198 9.03 -2.57 17.43
CA ASP A 198 7.94 -1.97 18.22
C ASP A 198 8.38 -1.84 19.70
N VAL A 199 9.11 -2.81 20.26
CA VAL A 199 9.57 -2.73 21.64
C VAL A 199 10.50 -1.52 21.77
N TRP A 200 11.39 -1.33 20.79
CA TRP A 200 12.31 -0.16 20.79
C TRP A 200 11.53 1.14 20.87
N ALA A 201 10.53 1.26 20.00
CA ALA A 201 9.65 2.43 19.95
C ALA A 201 8.91 2.60 21.30
N PHE A 202 8.47 1.50 21.87
CA PHE A 202 7.79 1.54 23.18
C PHE A 202 8.71 2.18 24.24
N GLY A 203 10.00 1.86 24.19
CA GLY A 203 10.94 2.50 25.13
C GLY A 203 10.98 4.02 24.95
N VAL A 204 10.99 4.48 23.70
CA VAL A 204 10.97 5.91 23.43
C VAL A 204 9.67 6.51 23.97
N LEU A 205 8.55 5.82 23.74
CA LEU A 205 7.27 6.21 24.29
C LEU A 205 7.29 6.32 25.80
N LEU A 206 7.96 5.37 26.47
CA LEU A 206 8.10 5.45 27.93
C LEU A 206 8.80 6.76 28.29
N TRP A 207 9.87 7.10 27.54
CA TRP A 207 10.57 8.35 27.78
C TRP A 207 9.69 9.59 27.56
N GLU A 208 8.86 9.55 26.53
CA GLU A 208 7.86 10.58 26.33
C GLU A 208 6.92 10.72 27.52
N ILE A 209 6.46 9.59 28.04
CA ILE A 209 5.53 9.60 29.17
C ILE A 209 6.24 10.20 30.38
N ALA A 210 7.43 9.72 30.64
CA ALA A 210 8.18 10.15 31.80
C ALA A 210 8.51 11.63 31.73
N THR A 211 8.68 12.20 30.57
CA THR A 211 8.98 13.63 30.44
C THR A 211 7.80 14.51 30.17
N TYR A 212 6.63 13.95 30.27
CA TYR A 212 5.39 14.65 29.98
C TYR A 212 5.42 15.26 28.56
N GLY A 213 5.98 14.52 27.61
CA GLY A 213 5.89 14.91 26.22
C GLY A 213 7.03 15.73 25.68
N MET A 214 8.22 15.57 26.23
CA MET A 214 9.34 16.25 25.64
C MET A 214 9.69 15.54 24.33
N SER A 215 10.28 16.29 23.41
CA SER A 215 10.82 15.72 22.19
C SER A 215 12.08 14.88 22.51
N PRO A 216 12.16 13.64 22.01
CA PRO A 216 13.32 12.82 22.29
C PRO A 216 14.64 13.39 21.73
N TYR A 217 15.76 12.88 22.25
CA TYR A 217 17.11 13.33 21.88
C TYR A 217 17.15 14.84 21.67
N PRO A 218 16.81 15.56 22.72
CA PRO A 218 16.63 17.00 22.62
C PRO A 218 17.85 17.70 22.05
N GLY A 219 17.66 18.48 20.99
CA GLY A 219 18.72 19.25 20.37
C GLY A 219 19.67 18.46 19.48
N ILE A 220 19.47 17.15 19.39
CA ILE A 220 20.35 16.33 18.61
C ILE A 220 19.90 16.21 17.18
N ASP A 221 20.85 16.54 16.31
CA ASP A 221 20.72 16.43 14.88
C ASP A 221 20.21 15.03 14.50
N LEU A 222 19.12 14.94 13.74
CA LEU A 222 18.57 13.65 13.29
C LEU A 222 19.59 12.82 12.55
N SER A 223 20.45 13.47 11.77
CA SER A 223 21.46 12.76 11.02
C SER A 223 22.60 12.21 11.89
N GLN A 224 22.59 12.50 13.20
CA GLN A 224 23.56 11.95 14.11
C GLN A 224 22.94 10.98 15.12
N VAL A 225 21.64 10.73 15.05
CA VAL A 225 21.04 9.79 16.02
C VAL A 225 21.56 8.35 15.85
N TYR A 226 21.55 7.80 14.64
CA TYR A 226 22.01 6.46 14.42
C TYR A 226 23.48 6.30 14.88
N GLU A 227 24.29 7.28 14.53
CA GLU A 227 25.72 7.27 14.86
C GLU A 227 25.89 7.19 16.39
N LEU A 228 25.11 7.97 17.12
CA LEU A 228 25.15 7.92 18.59
C LEU A 228 24.75 6.54 19.10
N LEU A 229 23.66 5.97 18.54
CA LEU A 229 23.21 4.67 19.00
C LEU A 229 24.28 3.60 18.76
N GLU A 230 24.97 3.65 17.61
CA GLU A 230 26.00 2.67 17.30
C GLU A 230 27.23 2.86 18.17
N LYS A 231 27.38 4.02 18.78
CA LYS A 231 28.45 4.21 19.75
C LYS A 231 27.98 3.95 21.19
N ASP A 232 26.77 3.38 21.38
CA ASP A 232 26.21 3.03 22.65
C ASP A 232 25.65 4.18 23.50
N TYR A 233 25.39 5.32 22.88
CA TYR A 233 24.67 6.40 23.55
C TYR A 233 23.19 6.03 23.67
N ARG A 234 22.63 6.26 24.86
CA ARG A 234 21.18 6.20 25.04
C ARG A 234 20.74 7.43 25.84
N MET A 235 19.48 7.85 25.71
CA MET A 235 18.98 8.93 26.53
C MET A 235 19.07 8.62 28.00
N GLU A 236 19.42 9.64 28.79
CA GLU A 236 19.54 9.46 30.23
C GLU A 236 18.18 9.37 30.91
N ARG A 237 18.20 8.89 32.14
CA ARG A 237 17.00 8.78 32.92
C ARG A 237 16.37 10.15 33.19
N PRO A 238 15.11 10.32 32.84
CA PRO A 238 14.37 11.56 33.18
C PRO A 238 14.27 11.84 34.63
N GLU A 239 14.08 13.14 34.91
CA GLU A 239 13.89 13.57 36.29
C GLU A 239 12.61 12.92 36.77
N GLY A 240 12.64 12.34 37.95
CA GLY A 240 11.45 11.71 38.51
C GLY A 240 11.16 10.31 38.07
N CYS A 241 11.85 9.84 37.04
CA CYS A 241 11.58 8.53 36.50
C CYS A 241 12.11 7.44 37.41
N PRO A 242 11.26 6.55 37.89
CA PRO A 242 11.72 5.46 38.75
C PRO A 242 12.80 4.61 38.08
N GLU A 243 13.75 4.15 38.87
CA GLU A 243 14.87 3.36 38.34
C GLU A 243 14.39 2.10 37.63
N LYS A 244 13.34 1.46 38.15
CA LYS A 244 12.85 0.22 37.53
C LYS A 244 12.27 0.51 36.12
N VAL A 245 11.61 1.66 36.01
CA VAL A 245 11.05 2.09 34.74
C VAL A 245 12.20 2.39 33.76
N TYR A 246 13.24 3.07 34.22
CA TYR A 246 14.35 3.35 33.33
C TYR A 246 15.05 2.06 32.90
N GLU A 247 15.22 1.09 33.83
CA GLU A 247 15.80 -0.23 33.51
C GLU A 247 15.06 -0.87 32.32
N LEU A 248 13.74 -0.77 32.36
CA LEU A 248 12.86 -1.28 31.29
C LEU A 248 13.09 -0.56 29.99
N MET A 249 13.19 0.76 30.06
CA MET A 249 13.47 1.56 28.89
C MET A 249 14.78 1.15 28.26
N ARG A 250 15.82 1.01 29.10
CA ARG A 250 17.13 0.63 28.57
C ARG A 250 17.10 -0.77 27.95
N ALA A 251 16.31 -1.67 28.51
CA ALA A 251 16.21 -3.02 27.96
C ALA A 251 15.55 -2.96 26.58
N CYS A 252 14.57 -2.05 26.42
CA CYS A 252 13.90 -1.86 25.12
C CYS A 252 14.86 -1.38 24.05
N TRP A 253 15.97 -0.72 24.49
CA TRP A 253 16.97 -0.14 23.61
C TRP A 253 18.24 -0.98 23.49
N GLN A 254 18.15 -2.27 23.79
CA GLN A 254 19.28 -3.16 23.46
C GLN A 254 19.50 -3.15 21.95
N TRP A 255 20.76 -3.15 21.53
CA TRP A 255 21.07 -3.07 20.10
C TRP A 255 20.50 -4.28 19.34
N ASN A 256 20.70 -5.47 19.89
N ASN A 256 20.70 -5.48 19.88
CA ASN A 256 20.20 -6.69 19.26
CA ASN A 256 20.19 -6.68 19.24
C ASN A 256 18.71 -6.88 19.57
C ASN A 256 18.71 -6.89 19.58
N PRO A 257 17.87 -6.92 18.55
CA PRO A 257 16.43 -7.09 18.79
C PRO A 257 16.07 -8.25 19.70
N SER A 258 16.81 -9.37 19.56
CA SER A 258 16.53 -10.54 20.36
C SER A 258 16.69 -10.34 21.83
N ASP A 259 17.46 -9.32 22.22
CA ASP A 259 17.78 -9.09 23.60
C ASP A 259 16.78 -8.19 24.28
N ARG A 260 15.83 -7.65 23.49
CA ARG A 260 14.83 -6.74 24.06
C ARG A 260 13.73 -7.56 24.65
N PRO A 261 13.09 -7.09 25.71
CA PRO A 261 12.02 -7.87 26.32
C PRO A 261 10.79 -8.05 25.42
N SER A 262 9.94 -9.04 25.70
CA SER A 262 8.68 -9.13 24.99
C SER A 262 7.68 -8.18 25.61
N PHE A 263 6.61 -7.89 24.88
CA PHE A 263 5.54 -7.09 25.44
C PHE A 263 4.83 -7.79 26.59
N ALA A 264 4.76 -9.12 26.52
CA ALA A 264 4.20 -9.88 27.63
C ALA A 264 5.00 -9.61 28.92
N GLU A 265 6.33 -9.57 28.80
CA GLU A 265 7.21 -9.30 29.96
C GLU A 265 7.03 -7.85 30.44
N ILE A 266 7.03 -6.92 29.48
CA ILE A 266 6.88 -5.50 29.79
C ILE A 266 5.56 -5.23 30.49
N HIS A 267 4.47 -5.76 29.91
CA HIS A 267 3.15 -5.55 30.51
C HIS A 267 3.05 -6.11 31.93
N GLN A 268 3.63 -7.28 32.15
CA GLN A 268 3.64 -7.86 33.50
C GLN A 268 4.36 -6.97 34.49
N ALA A 269 5.51 -6.41 34.09
CA ALA A 269 6.27 -5.54 34.97
C ALA A 269 5.46 -4.29 35.33
N PHE A 270 4.80 -3.69 34.33
CA PHE A 270 4.03 -2.50 34.59
C PHE A 270 2.79 -2.77 35.41
N GLU A 271 2.11 -3.86 35.10
CA GLU A 271 0.90 -4.21 35.86
C GLU A 271 1.28 -4.28 37.35
N THR A 272 2.39 -4.97 37.63
CA THR A 272 2.87 -5.12 38.98
C THR A 272 3.18 -3.78 39.63
N MET A 273 3.90 -2.91 38.93
CA MET A 273 4.25 -1.61 39.48
C MET A 273 3.00 -0.78 39.74
N PHE A 274 2.02 -0.90 38.85
CA PHE A 274 0.78 -0.13 38.96
C PHE A 274 -0.01 -0.63 40.18
N GLN A 275 -0.12 -1.93 40.28
CA GLN A 275 -0.86 -2.54 41.39
C GLN A 275 -0.25 -2.24 42.75
N GLU A 276 1.06 -2.04 42.81
CA GLU A 276 1.77 -1.79 44.06
C GLU A 276 1.94 -0.33 44.39
N SER A 277 1.53 0.56 43.50
CA SER A 277 1.70 1.98 43.77
C SER A 277 0.69 2.50 44.79
N ASP B 10 -10.47 23.08 -25.70
CA ASP B 10 -10.36 21.83 -24.87
C ASP B 10 -9.47 22.03 -23.66
N LYS B 11 -10.04 21.87 -22.47
CA LYS B 11 -9.28 21.88 -21.20
C LYS B 11 -8.00 21.04 -21.12
N TRP B 12 -7.78 20.11 -22.05
CA TRP B 12 -6.56 19.30 -22.03
C TRP B 12 -5.43 19.93 -22.82
N GLU B 13 -5.72 20.86 -23.73
CA GLU B 13 -4.66 21.45 -24.53
C GLU B 13 -3.72 22.26 -23.65
N MET B 14 -2.42 22.04 -23.85
CA MET B 14 -1.36 22.74 -23.12
C MET B 14 -0.43 23.35 -24.15
N GLU B 15 0.47 24.25 -23.72
CA GLU B 15 1.44 24.85 -24.62
C GLU B 15 2.72 24.05 -24.59
N ARG B 16 3.14 23.55 -25.74
CA ARG B 16 4.37 22.76 -25.82
C ARG B 16 5.44 23.36 -24.91
N THR B 17 5.47 24.68 -24.85
CA THR B 17 6.55 25.40 -24.18
C THR B 17 6.58 25.26 -22.68
N ASP B 18 5.43 25.01 -22.06
CA ASP B 18 5.42 24.79 -20.61
C ASP B 18 6.24 23.56 -20.22
N ILE B 19 6.82 22.87 -21.21
CA ILE B 19 7.53 21.63 -20.95
C ILE B 19 8.93 21.52 -21.52
N THR B 20 9.85 21.08 -20.66
CA THR B 20 11.23 20.83 -21.02
C THR B 20 11.38 19.35 -21.30
N MET B 21 11.60 18.99 -22.55
CA MET B 21 11.79 17.60 -22.89
C MET B 21 13.15 17.17 -22.39
N LYS B 22 13.25 15.90 -22.00
CA LYS B 22 14.50 15.35 -21.52
C LYS B 22 14.88 14.10 -22.33
N HIS B 23 15.19 13.00 -21.66
CA HIS B 23 15.70 11.82 -22.33
C HIS B 23 14.62 10.79 -22.65
N LYS B 24 14.94 9.94 -23.62
CA LYS B 24 14.06 8.89 -24.08
C LYS B 24 13.93 7.83 -22.99
N LEU B 25 12.70 7.34 -22.81
CA LEU B 25 12.45 6.33 -21.79
C LEU B 25 12.36 4.96 -22.40
N GLY B 26 12.80 3.95 -21.65
CA GLY B 26 12.69 2.55 -22.06
C GLY B 26 13.44 2.11 -23.31
N GLY B 27 14.30 2.97 -23.86
CA GLY B 27 15.13 2.63 -25.02
C GLY B 27 14.38 2.25 -26.28
N GLY B 28 13.32 3.01 -26.57
CA GLY B 28 12.55 2.79 -27.78
C GLY B 28 11.51 1.72 -27.66
N GLN B 29 11.55 0.91 -26.60
CA GLN B 29 10.57 -0.15 -26.49
C GLN B 29 9.15 0.40 -26.48
N TYR B 30 8.98 1.67 -26.10
CA TYR B 30 7.64 2.28 -26.07
C TYR B 30 7.45 3.31 -27.18
N GLY B 31 8.42 3.39 -28.08
CA GLY B 31 8.33 4.36 -29.14
C GLY B 31 8.88 5.69 -28.67
N GLU B 32 8.31 6.74 -29.21
CA GLU B 32 8.79 8.07 -28.98
C GLU B 32 8.22 8.63 -27.68
N VAL B 33 8.66 8.06 -26.58
CA VAL B 33 8.21 8.51 -25.26
C VAL B 33 9.38 9.05 -24.50
N TYR B 34 9.22 10.26 -23.99
CA TYR B 34 10.28 10.98 -23.29
C TYR B 34 9.94 11.46 -21.87
N GLU B 35 10.96 11.53 -21.03
CA GLU B 35 10.82 12.13 -19.73
C GLU B 35 10.83 13.63 -19.98
N GLY B 36 9.98 14.36 -19.28
CA GLY B 36 9.92 15.79 -19.46
C GLY B 36 9.66 16.46 -18.13
N VAL B 37 9.69 17.78 -18.11
CA VAL B 37 9.39 18.52 -16.91
C VAL B 37 8.38 19.60 -17.20
N TRP B 38 7.23 19.55 -16.52
CA TRP B 38 6.21 20.59 -16.62
C TRP B 38 6.73 21.73 -15.72
N LYS B 39 7.43 22.67 -16.35
CA LYS B 39 8.19 23.74 -15.66
C LYS B 39 7.58 24.37 -14.38
N LYS B 40 6.43 25.04 -14.50
CA LYS B 40 5.84 25.77 -13.35
C LYS B 40 5.33 24.96 -12.17
N TYR B 41 4.87 23.74 -12.42
CA TYR B 41 4.42 22.88 -11.34
C TYR B 41 5.64 22.14 -10.77
N SER B 42 6.78 22.30 -11.44
CA SER B 42 8.00 21.62 -11.04
C SER B 42 7.73 20.11 -10.98
N LEU B 43 7.20 19.60 -12.09
CA LEU B 43 6.70 18.23 -12.13
C LEU B 43 7.29 17.39 -13.25
N THR B 44 7.89 16.26 -12.91
CA THR B 44 8.42 15.40 -13.94
C THR B 44 7.22 14.72 -14.59
N VAL B 45 7.24 14.60 -15.91
CA VAL B 45 6.13 13.93 -16.62
C VAL B 45 6.65 13.00 -17.68
N ALA B 46 5.75 12.26 -18.32
CA ALA B 46 6.12 11.45 -19.48
C ALA B 46 5.42 12.06 -20.67
N VAL B 47 6.11 12.10 -21.80
CA VAL B 47 5.55 12.70 -22.99
C VAL B 47 5.75 11.80 -24.18
N LYS B 48 4.64 11.47 -24.83
CA LYS B 48 4.68 10.71 -26.06
C LYS B 48 4.49 11.69 -27.23
N THR B 49 5.18 11.42 -28.33
CA THR B 49 5.08 12.28 -29.50
C THR B 49 5.19 11.49 -30.80
N LEU B 50 5.00 12.19 -31.91
CA LEU B 50 5.18 11.59 -33.23
C LEU B 50 6.36 12.29 -33.87
N MET B 55 2.72 8.87 -40.57
CA MET B 55 1.34 8.57 -40.95
C MET B 55 0.37 8.51 -39.78
N GLU B 56 0.88 8.07 -38.62
CA GLU B 56 0.07 7.72 -37.45
C GLU B 56 -0.77 8.82 -36.78
N VAL B 57 -0.83 9.99 -37.38
CA VAL B 57 -1.55 11.12 -36.76
C VAL B 57 -2.97 10.78 -36.26
N GLU B 58 -3.76 10.08 -37.06
CA GLU B 58 -5.14 9.74 -36.66
C GLU B 58 -5.14 8.79 -35.48
N GLU B 59 -4.32 7.75 -35.57
CA GLU B 59 -4.22 6.77 -34.49
C GLU B 59 -3.74 7.48 -33.22
N PHE B 60 -2.73 8.33 -33.35
CA PHE B 60 -2.24 9.15 -32.24
C PHE B 60 -3.36 9.96 -31.57
N LEU B 61 -4.18 10.64 -32.39
CA LEU B 61 -5.28 11.44 -31.90
C LEU B 61 -6.39 10.60 -31.25
N LYS B 62 -6.67 9.44 -31.82
CA LYS B 62 -7.64 8.53 -31.20
C LYS B 62 -7.11 8.06 -29.84
N GLU B 63 -5.79 7.87 -29.73
CA GLU B 63 -5.14 7.44 -28.47
C GLU B 63 -5.34 8.53 -27.44
N ALA B 64 -5.13 9.79 -27.86
CA ALA B 64 -5.33 10.91 -26.98
C ALA B 64 -6.79 11.00 -26.47
N ALA B 65 -7.74 10.82 -27.38
CA ALA B 65 -9.14 10.87 -27.04
C ALA B 65 -9.47 9.81 -26.00
N VAL B 66 -8.96 8.59 -26.16
CA VAL B 66 -9.25 7.54 -25.20
C VAL B 66 -8.69 7.90 -23.81
N MET B 67 -7.46 8.42 -23.78
CA MET B 67 -6.77 8.84 -22.54
C MET B 67 -7.62 9.82 -21.75
N LYS B 68 -8.31 10.69 -22.48
CA LYS B 68 -9.17 11.69 -21.84
C LYS B 68 -10.34 11.08 -21.12
N GLU B 69 -10.76 9.89 -21.56
CA GLU B 69 -11.89 9.18 -20.99
C GLU B 69 -11.53 8.26 -19.82
N ILE B 70 -10.27 7.89 -19.75
CA ILE B 70 -9.83 6.95 -18.72
C ILE B 70 -9.48 7.62 -17.41
N LYS B 71 -10.07 7.15 -16.32
CA LYS B 71 -9.70 7.64 -15.01
C LYS B 71 -9.77 6.56 -13.98
N HIS B 72 -8.61 6.07 -13.59
CA HIS B 72 -8.52 5.03 -12.58
C HIS B 72 -7.16 5.09 -11.92
N PRO B 73 -7.09 4.81 -10.61
CA PRO B 73 -5.83 4.89 -9.88
C PRO B 73 -4.70 3.97 -10.37
N ASN B 74 -5.06 2.90 -11.06
CA ASN B 74 -4.11 1.97 -11.59
C ASN B 74 -3.99 1.93 -13.13
N LEU B 75 -4.41 3.02 -13.76
CA LEU B 75 -4.15 3.28 -15.17
C LEU B 75 -3.42 4.60 -15.29
N VAL B 76 -2.34 4.62 -16.07
CA VAL B 76 -1.50 5.83 -16.25
C VAL B 76 -2.39 7.04 -16.56
N GLN B 77 -2.27 8.12 -15.78
CA GLN B 77 -3.20 9.24 -15.91
C GLN B 77 -2.72 10.33 -16.87
N LEU B 78 -3.59 10.72 -17.81
CA LEU B 78 -3.32 11.82 -18.72
C LEU B 78 -3.30 13.13 -17.96
N LEU B 79 -2.35 14.00 -18.30
CA LEU B 79 -2.25 15.33 -17.68
C LEU B 79 -2.59 16.40 -18.70
N GLY B 80 -2.28 16.15 -19.97
CA GLY B 80 -2.57 17.11 -21.03
C GLY B 80 -2.11 16.66 -22.39
N VAL B 81 -2.47 17.44 -23.41
CA VAL B 81 -2.08 17.14 -24.77
C VAL B 81 -1.75 18.44 -25.51
N CYS B 82 -1.04 18.29 -26.62
CA CYS B 82 -0.75 19.38 -27.54
C CYS B 82 -1.10 18.80 -28.90
N THR B 83 -2.24 19.18 -29.44
CA THR B 83 -2.68 18.60 -30.71
C THR B 83 -3.12 19.63 -31.74
N ARG B 84 -2.50 20.80 -31.72
CA ARG B 84 -2.86 21.84 -32.66
C ARG B 84 -1.97 21.75 -33.87
N GLU B 85 -0.68 21.86 -33.61
CA GLU B 85 0.35 21.77 -34.62
C GLU B 85 1.31 20.68 -34.21
N PRO B 86 1.94 20.06 -35.20
CA PRO B 86 3.06 19.13 -34.98
C PRO B 86 4.19 19.97 -34.42
N PRO B 87 4.97 19.50 -33.46
CA PRO B 87 4.93 18.16 -32.88
C PRO B 87 3.77 17.96 -31.95
N PHE B 88 3.13 16.79 -32.02
CA PHE B 88 2.00 16.49 -31.16
C PHE B 88 2.48 15.80 -29.87
N TYR B 89 1.87 16.15 -28.74
CA TYR B 89 2.23 15.55 -27.46
C TYR B 89 1.05 14.97 -26.70
N ILE B 90 1.29 13.85 -26.01
CA ILE B 90 0.37 13.32 -25.03
C ILE B 90 1.22 13.32 -23.76
N ILE B 91 0.73 13.98 -22.72
CA ILE B 91 1.49 14.15 -21.51
C ILE B 91 0.82 13.46 -20.32
N THR B 92 1.56 12.59 -19.66
CA THR B 92 1.01 11.86 -18.54
C THR B 92 1.87 11.95 -17.30
N GLU B 93 1.31 11.47 -16.20
CA GLU B 93 2.09 11.31 -14.98
C GLU B 93 3.33 10.41 -15.25
N PHE B 94 4.35 10.60 -14.42
CA PHE B 94 5.58 9.83 -14.50
C PHE B 94 5.64 8.79 -13.42
N MET B 95 5.91 7.56 -13.83
CA MET B 95 6.06 6.45 -12.92
C MET B 95 7.54 6.30 -12.68
N THR B 96 7.96 6.58 -11.45
CA THR B 96 9.39 6.66 -11.20
C THR B 96 10.25 5.43 -11.23
N TYR B 97 9.68 4.23 -11.08
CA TYR B 97 10.47 3.00 -10.96
C TYR B 97 10.51 2.15 -12.24
N GLY B 98 10.00 2.70 -13.33
CA GLY B 98 10.07 2.03 -14.60
C GLY B 98 9.08 0.89 -14.72
N ASN B 99 9.38 -0.08 -15.57
CA ASN B 99 8.39 -1.12 -15.80
C ASN B 99 8.49 -2.25 -14.77
N LEU B 100 7.43 -3.03 -14.67
CA LEU B 100 7.35 -4.07 -13.66
C LEU B 100 8.29 -5.25 -13.91
N LEU B 101 8.55 -5.55 -15.17
CA LEU B 101 9.44 -6.63 -15.49
C LEU B 101 10.84 -6.32 -14.93
N ASP B 102 11.37 -5.14 -15.20
CA ASP B 102 12.69 -4.74 -14.72
C ASP B 102 12.69 -4.64 -13.20
N TYR B 103 11.59 -4.12 -12.67
CA TYR B 103 11.46 -3.94 -11.23
C TYR B 103 11.54 -5.28 -10.47
N LEU B 104 10.81 -6.28 -10.94
CA LEU B 104 10.80 -7.59 -10.31
C LEU B 104 12.17 -8.28 -10.39
N ARG B 105 12.87 -8.05 -11.50
CA ARG B 105 14.15 -8.66 -11.73
C ARG B 105 15.23 -8.10 -10.82
N GLU B 106 15.06 -6.85 -10.42
CA GLU B 106 16.08 -6.14 -9.65
C GLU B 106 15.74 -5.99 -8.18
N CYS B 107 14.51 -6.31 -7.79
CA CYS B 107 14.05 -6.01 -6.42
C CYS B 107 14.64 -6.88 -5.31
N ASN B 108 14.59 -6.37 -4.08
CA ASN B 108 14.91 -7.16 -2.90
C ASN B 108 13.70 -8.02 -2.59
N ARG B 109 13.81 -9.36 -2.70
CA ARG B 109 12.63 -10.21 -2.51
C ARG B 109 12.10 -10.40 -1.09
N GLN B 110 12.83 -9.90 -0.11
CA GLN B 110 12.33 -9.93 1.25
C GLN B 110 11.37 -8.72 1.43
N GLU B 111 11.64 -7.62 0.72
CA GLU B 111 10.75 -6.47 0.66
C GLU B 111 9.58 -6.78 -0.25
N VAL B 112 9.90 -7.15 -1.49
CA VAL B 112 8.85 -7.45 -2.49
C VAL B 112 8.56 -8.95 -2.37
N ASN B 113 7.87 -9.29 -1.30
CA ASN B 113 7.60 -10.64 -0.92
C ASN B 113 6.23 -11.11 -1.34
N ALA B 114 5.77 -12.25 -0.81
CA ALA B 114 4.50 -12.83 -1.27
C ALA B 114 3.33 -11.85 -1.17
N VAL B 115 3.23 -11.14 -0.04
CA VAL B 115 2.12 -10.23 0.11
C VAL B 115 2.17 -9.09 -0.91
N VAL B 116 3.35 -8.61 -1.26
CA VAL B 116 3.50 -7.54 -2.24
C VAL B 116 3.15 -8.04 -3.64
N LEU B 117 3.49 -9.28 -3.96
CA LEU B 117 3.10 -9.82 -5.28
C LEU B 117 1.55 -9.86 -5.37
N LEU B 118 0.87 -10.22 -4.27
CA LEU B 118 -0.59 -10.20 -4.22
C LEU B 118 -1.11 -8.77 -4.44
N TYR B 119 -0.48 -7.80 -3.78
CA TYR B 119 -0.85 -6.38 -3.95
C TYR B 119 -0.73 -5.95 -5.40
N MET B 120 0.37 -6.32 -6.06
CA MET B 120 0.55 -5.93 -7.44
C MET B 120 -0.58 -6.56 -8.29
N ALA B 121 -0.87 -7.85 -8.09
CA ALA B 121 -1.91 -8.52 -8.90
C ALA B 121 -3.29 -7.91 -8.63
N THR B 122 -3.48 -7.43 -7.38
CA THR B 122 -4.74 -6.81 -7.06
C THR B 122 -4.91 -5.48 -7.78
N GLN B 123 -3.87 -4.67 -7.77
CA GLN B 123 -3.86 -3.40 -8.45
C GLN B 123 -4.08 -3.53 -9.97
N ILE B 124 -3.36 -4.45 -10.59
CA ILE B 124 -3.51 -4.67 -12.02
C ILE B 124 -4.94 -5.16 -12.38
N SER B 125 -5.46 -6.10 -11.60
CA SER B 125 -6.78 -6.63 -11.86
C SER B 125 -7.85 -5.56 -11.63
N SER B 126 -7.58 -4.62 -10.73
CA SER B 126 -8.54 -3.53 -10.53
C SER B 126 -8.62 -2.64 -11.80
N ALA B 127 -7.48 -2.34 -12.41
CA ALA B 127 -7.40 -1.56 -13.66
C ALA B 127 -8.14 -2.31 -14.74
N MET B 128 -7.92 -3.62 -14.78
CA MET B 128 -8.56 -4.41 -15.82
C MET B 128 -10.06 -4.58 -15.59
N GLU B 129 -10.49 -4.69 -14.34
CA GLU B 129 -11.92 -4.73 -14.05
C GLU B 129 -12.59 -3.42 -14.52
N TYR B 130 -11.92 -2.30 -14.32
CA TYR B 130 -12.43 -1.01 -14.79
C TYR B 130 -12.56 -0.99 -16.33
N LEU B 131 -11.54 -1.49 -17.03
CA LEU B 131 -11.60 -1.59 -18.50
C LEU B 131 -12.72 -2.51 -18.95
N GLU B 132 -12.90 -3.59 -18.23
CA GLU B 132 -13.88 -4.58 -18.55
C GLU B 132 -15.26 -3.90 -18.51
N LYS B 133 -15.53 -3.19 -17.44
CA LYS B 133 -16.83 -2.55 -17.28
C LYS B 133 -17.05 -1.39 -18.24
N LYS B 134 -15.98 -0.79 -18.71
CA LYS B 134 -16.08 0.35 -19.61
C LYS B 134 -16.10 -0.06 -21.09
N ASN B 135 -16.17 -1.34 -21.36
CA ASN B 135 -16.13 -1.83 -22.76
C ASN B 135 -14.87 -1.48 -23.55
N PHE B 136 -13.72 -1.55 -22.87
CA PHE B 136 -12.43 -1.39 -23.51
C PHE B 136 -11.73 -2.75 -23.41
N ILE B 137 -10.79 -2.96 -24.31
CA ILE B 137 -9.81 -4.03 -24.22
C ILE B 137 -8.43 -3.44 -24.32
N HIS B 138 -7.44 -4.22 -23.88
CA HIS B 138 -6.07 -3.76 -23.84
C HIS B 138 -5.16 -4.30 -24.95
N ARG B 139 -5.09 -5.61 -25.06
CA ARG B 139 -4.34 -6.29 -26.14
C ARG B 139 -2.84 -6.33 -26.03
N ASP B 140 -2.27 -5.70 -25.00
CA ASP B 140 -0.84 -5.89 -24.76
C ASP B 140 -0.51 -5.90 -23.28
N LEU B 141 -1.27 -6.69 -22.53
CA LEU B 141 -1.01 -6.85 -21.10
C LEU B 141 0.18 -7.80 -20.89
N ALA B 142 1.16 -7.33 -20.15
CA ALA B 142 2.43 -8.01 -19.88
C ALA B 142 3.17 -7.19 -18.83
N ALA B 143 4.14 -7.77 -18.15
CA ALA B 143 4.87 -7.02 -17.12
C ALA B 143 5.60 -5.82 -17.67
N ARG B 144 6.09 -5.91 -18.91
CA ARG B 144 6.77 -4.81 -19.57
C ARG B 144 5.87 -3.58 -19.77
N ASN B 145 4.55 -3.79 -19.74
CA ASN B 145 3.58 -2.72 -19.93
C ASN B 145 2.79 -2.32 -18.67
N CYS B 146 3.35 -2.73 -17.54
CA CYS B 146 2.93 -2.25 -16.22
C CYS B 146 4.09 -1.39 -15.70
N LEU B 147 3.74 -0.26 -15.06
CA LEU B 147 4.72 0.70 -14.60
C LEU B 147 4.62 0.83 -13.08
N VAL B 148 5.75 1.10 -12.44
CA VAL B 148 5.82 1.06 -10.99
C VAL B 148 6.20 2.41 -10.39
N GLY B 149 5.57 2.71 -9.25
CA GLY B 149 5.86 3.95 -8.55
C GLY B 149 6.32 3.59 -7.15
N GLU B 150 6.34 4.58 -6.26
CA GLU B 150 6.82 4.33 -4.92
C GLU B 150 5.88 3.43 -4.12
N ASN B 151 6.45 2.71 -3.17
CA ASN B 151 5.69 1.81 -2.29
C ASN B 151 4.82 0.80 -3.00
N HIS B 152 5.39 0.23 -4.05
CA HIS B 152 4.82 -0.92 -4.78
C HIS B 152 3.53 -0.57 -5.53
N LEU B 153 3.37 0.71 -5.84
CA LEU B 153 2.23 1.17 -6.64
C LEU B 153 2.48 0.69 -8.08
N VAL B 154 1.47 0.08 -8.67
CA VAL B 154 1.58 -0.42 -10.04
C VAL B 154 0.43 0.16 -10.87
N LYS B 155 0.76 0.60 -12.08
CA LYS B 155 -0.26 1.06 -12.98
C LYS B 155 -0.06 0.41 -14.34
N VAL B 156 -1.18 0.09 -14.95
CA VAL B 156 -1.20 -0.47 -16.28
C VAL B 156 -1.05 0.64 -17.33
N ALA B 157 -0.15 0.44 -18.29
CA ALA B 157 0.01 1.36 -19.40
C ALA B 157 -1.26 1.35 -20.26
N ASP B 158 -1.67 2.52 -20.72
CA ASP B 158 -2.95 2.64 -21.42
C ASP B 158 -2.83 3.22 -22.81
N PHE B 159 -1.64 3.10 -23.36
CA PHE B 159 -1.47 3.39 -24.77
C PHE B 159 -2.16 2.16 -25.34
N GLY B 160 -2.67 2.29 -26.54
CA GLY B 160 -3.21 1.13 -27.23
C GLY B 160 -4.61 0.62 -26.94
N LEU B 161 -5.29 1.10 -25.91
CA LEU B 161 -6.64 0.61 -25.59
C LEU B 161 -7.58 0.75 -26.79
N SER B 162 -8.47 -0.23 -26.94
CA SER B 162 -9.48 -0.20 -27.99
C SER B 162 -10.89 -0.29 -27.41
N ARG B 163 -11.78 0.57 -27.91
CA ARG B 163 -13.15 0.55 -27.51
C ARG B 163 -13.93 -0.52 -28.27
N LEU B 164 -14.77 -1.26 -27.59
CA LEU B 164 -15.68 -2.21 -28.23
C LEU B 164 -16.95 -1.44 -28.62
N MET B 165 -17.03 -1.05 -29.89
CA MET B 165 -18.19 -0.25 -30.34
C MET B 165 -19.50 -1.05 -30.44
N THR B 166 -19.42 -2.33 -30.78
CA THR B 166 -20.60 -3.18 -30.88
C THR B 166 -20.52 -4.53 -30.12
N GLY B 167 -19.87 -5.52 -30.68
CA GLY B 167 -19.87 -6.84 -30.02
C GLY B 167 -18.73 -6.94 -29.01
N ASP B 168 -18.58 -8.09 -28.42
CA ASP B 168 -17.58 -8.28 -27.37
C ASP B 168 -16.21 -8.60 -27.92
N THR B 169 -16.12 -8.84 -29.22
CA THR B 169 -14.85 -9.23 -29.81
C THR B 169 -14.34 -8.21 -30.80
N TYR B 170 -13.04 -7.91 -30.72
CA TYR B 170 -12.33 -6.99 -31.60
C TYR B 170 -11.43 -7.79 -32.52
N THR B 171 -11.48 -7.50 -33.82
CA THR B 171 -10.63 -8.18 -34.79
C THR B 171 -9.46 -7.31 -35.20
N ALA B 172 -8.24 -7.80 -35.03
CA ALA B 172 -7.08 -7.10 -35.50
C ALA B 172 -6.96 -7.42 -36.99
N HIS B 173 -6.39 -6.50 -37.77
CA HIS B 173 -6.17 -6.74 -39.19
C HIS B 173 -5.18 -7.84 -39.50
N ALA B 174 -5.40 -8.45 -40.67
CA ALA B 174 -4.53 -9.47 -41.22
C ALA B 174 -3.12 -8.89 -41.22
N GLY B 175 -2.14 -9.72 -40.91
CA GLY B 175 -0.80 -9.22 -40.91
C GLY B 175 -0.36 -8.58 -39.61
N ALA B 176 -1.30 -8.43 -38.66
CA ALA B 176 -0.93 -7.91 -37.34
C ALA B 176 -0.06 -8.95 -36.68
N LYS B 177 0.99 -8.49 -36.02
CA LYS B 177 1.93 -9.38 -35.34
C LYS B 177 1.71 -9.20 -33.85
N PHE B 178 1.63 -10.30 -33.11
CA PHE B 178 1.36 -10.24 -31.66
C PHE B 178 2.45 -10.90 -30.85
N PRO B 179 2.59 -10.53 -29.58
CA PRO B 179 3.54 -11.18 -28.65
C PRO B 179 3.02 -12.55 -28.30
N ILE B 180 3.46 -13.53 -29.05
CA ILE B 180 2.93 -14.87 -28.99
C ILE B 180 2.73 -15.46 -27.59
N LYS B 181 3.73 -15.31 -26.72
CA LYS B 181 3.66 -15.94 -25.40
C LYS B 181 2.58 -15.37 -24.48
N TRP B 182 2.10 -14.19 -24.81
CA TRP B 182 1.01 -13.58 -24.02
C TRP B 182 -0.33 -13.62 -24.72
N THR B 183 -0.37 -14.20 -25.93
CA THR B 183 -1.59 -14.13 -26.76
C THR B 183 -2.49 -15.37 -26.65
N ALA B 184 -3.78 -15.17 -26.38
CA ALA B 184 -4.76 -16.25 -26.25
C ALA B 184 -4.84 -17.04 -27.59
N PRO B 185 -5.15 -18.30 -27.48
CA PRO B 185 -5.26 -19.18 -28.68
C PRO B 185 -6.20 -18.65 -29.76
N GLU B 186 -7.37 -18.15 -29.40
CA GLU B 186 -8.31 -17.58 -30.41
C GLU B 186 -7.73 -16.34 -31.11
N SER B 187 -6.89 -15.58 -30.42
CA SER B 187 -6.21 -14.45 -31.00
C SER B 187 -5.14 -14.90 -31.97
N LEU B 188 -4.38 -15.91 -31.60
CA LEU B 188 -3.34 -16.43 -32.47
C LEU B 188 -3.98 -17.04 -33.72
N ALA B 189 -5.07 -17.73 -33.54
CA ALA B 189 -5.69 -18.50 -34.63
C ALA B 189 -6.54 -17.61 -35.55
N TYR B 190 -7.31 -16.72 -34.95
CA TYR B 190 -8.31 -15.93 -35.69
C TYR B 190 -8.23 -14.40 -35.60
N ASN B 191 -7.19 -13.87 -34.94
CA ASN B 191 -6.98 -12.45 -34.77
C ASN B 191 -8.11 -11.80 -33.97
N LYS B 192 -8.78 -12.60 -33.15
CA LYS B 192 -9.93 -12.17 -32.39
C LYS B 192 -9.50 -11.86 -30.95
N PHE B 193 -9.74 -10.61 -30.51
CA PHE B 193 -9.42 -10.17 -29.14
C PHE B 193 -10.68 -9.75 -28.37
N SER B 194 -10.67 -9.97 -27.06
CA SER B 194 -11.79 -9.62 -26.20
C SER B 194 -11.26 -9.40 -24.81
N ILE B 195 -12.14 -9.07 -23.86
CA ILE B 195 -11.66 -8.93 -22.49
C ILE B 195 -11.15 -10.31 -22.02
N LYS B 196 -11.70 -11.39 -22.58
CA LYS B 196 -11.28 -12.77 -22.25
C LYS B 196 -9.89 -13.07 -22.74
N SER B 197 -9.48 -12.52 -23.89
CA SER B 197 -8.10 -12.66 -24.33
C SER B 197 -7.17 -11.85 -23.39
N ASP B 198 -7.65 -10.72 -22.86
CA ASP B 198 -6.87 -9.99 -21.87
C ASP B 198 -6.73 -10.81 -20.56
N VAL B 199 -7.75 -11.60 -20.23
CA VAL B 199 -7.72 -12.46 -19.03
C VAL B 199 -6.61 -13.48 -19.23
N TRP B 200 -6.53 -14.03 -20.45
CA TRP B 200 -5.42 -14.97 -20.74
C TRP B 200 -4.06 -14.33 -20.51
N ALA B 201 -3.87 -13.11 -21.03
CA ALA B 201 -2.63 -12.39 -20.93
C ALA B 201 -2.36 -12.17 -19.43
N PHE B 202 -3.40 -11.82 -18.70
CA PHE B 202 -3.25 -11.59 -17.26
C PHE B 202 -2.67 -12.81 -16.56
N GLY B 203 -3.14 -13.98 -16.95
CA GLY B 203 -2.59 -15.22 -16.44
C GLY B 203 -1.09 -15.30 -16.71
N VAL B 204 -0.64 -14.95 -17.92
CA VAL B 204 0.80 -14.97 -18.23
C VAL B 204 1.56 -13.93 -17.35
N LEU B 205 0.94 -12.76 -17.17
CA LEU B 205 1.47 -11.73 -16.29
C LEU B 205 1.59 -12.25 -14.86
N LEU B 206 0.62 -13.01 -14.37
CA LEU B 206 0.72 -13.60 -13.02
C LEU B 206 1.96 -14.49 -12.94
N TRP B 207 2.20 -15.28 -13.99
CA TRP B 207 3.41 -16.10 -14.04
C TRP B 207 4.67 -15.24 -14.03
N GLU B 208 4.68 -14.14 -14.78
CA GLU B 208 5.82 -13.24 -14.77
C GLU B 208 6.06 -12.72 -13.34
N ILE B 209 4.99 -12.35 -12.66
CA ILE B 209 5.10 -11.88 -11.26
C ILE B 209 5.67 -12.94 -10.35
N ALA B 210 5.08 -14.13 -10.40
CA ALA B 210 5.38 -15.24 -9.48
C ALA B 210 6.85 -15.67 -9.59
N THR B 211 7.40 -15.54 -10.80
CA THR B 211 8.81 -15.88 -11.08
C THR B 211 9.78 -14.73 -10.98
N TYR B 212 9.29 -13.58 -10.51
CA TYR B 212 10.11 -12.38 -10.49
C TYR B 212 10.73 -12.01 -11.84
N GLY B 213 9.90 -12.18 -12.88
CA GLY B 213 10.22 -11.67 -14.20
C GLY B 213 10.94 -12.63 -15.12
N MET B 214 10.77 -13.92 -14.96
CA MET B 214 11.36 -14.81 -15.92
C MET B 214 10.60 -14.70 -17.24
N SER B 215 11.24 -15.14 -18.32
CA SER B 215 10.57 -15.15 -19.62
C SER B 215 9.65 -16.39 -19.70
N PRO B 216 8.41 -16.25 -20.17
CA PRO B 216 7.48 -17.39 -20.27
C PRO B 216 7.88 -18.47 -21.30
N TYR B 217 7.38 -19.66 -21.08
CA TYR B 217 7.64 -20.83 -21.94
C TYR B 217 9.12 -20.94 -22.30
N PRO B 218 9.97 -20.86 -21.29
CA PRO B 218 11.42 -20.85 -21.51
C PRO B 218 11.84 -22.11 -22.30
N GLY B 219 12.67 -21.91 -23.32
CA GLY B 219 13.24 -23.03 -24.06
C GLY B 219 12.33 -23.59 -25.10
N ILE B 220 11.10 -23.08 -25.19
CA ILE B 220 10.14 -23.53 -26.17
C ILE B 220 10.11 -22.62 -27.41
N ASP B 221 10.17 -23.21 -28.62
CA ASP B 221 10.15 -22.40 -29.85
C ASP B 221 8.82 -21.71 -30.03
N LEU B 222 8.85 -20.43 -30.35
CA LEU B 222 7.62 -19.67 -30.57
C LEU B 222 6.69 -20.37 -31.55
N SER B 223 7.25 -21.02 -32.57
CA SER B 223 6.39 -21.63 -33.58
C SER B 223 5.68 -22.86 -33.07
N GLN B 224 6.03 -23.35 -31.89
CA GLN B 224 5.37 -24.54 -31.35
C GLN B 224 4.39 -24.21 -30.19
N VAL B 225 4.34 -22.96 -29.75
CA VAL B 225 3.51 -22.64 -28.60
C VAL B 225 2.04 -22.95 -28.85
N TYR B 226 1.50 -22.54 -29.99
CA TYR B 226 0.11 -22.80 -30.28
C TYR B 226 -0.24 -24.28 -30.20
N GLU B 227 0.57 -25.10 -30.85
CA GLU B 227 0.28 -26.53 -30.90
C GLU B 227 0.29 -27.12 -29.49
N LEU B 228 1.28 -26.74 -28.69
CA LEU B 228 1.33 -27.23 -27.31
C LEU B 228 0.07 -26.82 -26.57
N LEU B 229 -0.31 -25.54 -26.71
CA LEU B 229 -1.51 -25.14 -26.00
C LEU B 229 -2.75 -25.88 -26.45
N GLU B 230 -2.86 -26.12 -27.76
CA GLU B 230 -3.98 -26.88 -28.24
C GLU B 230 -4.04 -28.32 -27.70
N LYS B 231 -2.87 -28.87 -27.38
CA LYS B 231 -2.73 -30.21 -26.82
C LYS B 231 -2.70 -30.20 -25.27
N ASP B 232 -3.22 -29.11 -24.69
CA ASP B 232 -3.43 -28.93 -23.26
C ASP B 232 -2.18 -28.68 -22.40
N TYR B 233 -1.04 -28.43 -23.01
CA TYR B 233 0.14 -28.04 -22.27
C TYR B 233 -0.14 -26.69 -21.62
N ARG B 234 0.27 -26.49 -20.37
CA ARG B 234 0.24 -25.18 -19.71
C ARG B 234 1.53 -25.09 -18.86
N MET B 235 2.02 -23.87 -18.68
CA MET B 235 3.19 -23.67 -17.82
C MET B 235 2.90 -24.24 -16.45
N GLU B 236 3.94 -24.84 -15.84
CA GLU B 236 3.76 -25.45 -14.56
C GLU B 236 3.82 -24.37 -13.47
N ARG B 237 3.39 -24.75 -12.28
CA ARG B 237 3.35 -23.83 -11.15
C ARG B 237 4.78 -23.44 -10.80
N PRO B 238 5.10 -22.15 -10.78
CA PRO B 238 6.44 -21.74 -10.37
C PRO B 238 6.73 -22.04 -8.90
N GLU B 239 8.02 -22.18 -8.61
CA GLU B 239 8.49 -22.42 -7.24
C GLU B 239 8.04 -21.28 -6.35
N GLY B 240 7.42 -21.63 -5.23
CA GLY B 240 6.96 -20.62 -4.29
C GLY B 240 5.55 -20.10 -4.55
N CYS B 241 5.03 -20.37 -5.73
CA CYS B 241 3.69 -19.88 -6.05
C CYS B 241 2.62 -20.59 -5.23
N PRO B 242 1.79 -19.84 -4.50
CA PRO B 242 0.67 -20.43 -3.79
C PRO B 242 -0.27 -21.19 -4.73
N GLU B 243 -0.75 -22.31 -4.27
CA GLU B 243 -1.66 -23.11 -5.07
C GLU B 243 -2.88 -22.31 -5.54
N LYS B 244 -3.42 -21.44 -4.69
CA LYS B 244 -4.60 -20.68 -5.08
C LYS B 244 -4.30 -19.69 -6.19
N VAL B 245 -3.10 -19.13 -6.20
CA VAL B 245 -2.67 -18.21 -7.24
C VAL B 245 -2.52 -19.04 -8.55
N TYR B 246 -1.91 -20.22 -8.43
CA TYR B 246 -1.78 -21.09 -9.63
C TYR B 246 -3.16 -21.53 -10.18
N GLU B 247 -4.11 -21.82 -9.33
CA GLU B 247 -5.46 -22.19 -9.75
C GLU B 247 -6.04 -21.04 -10.59
N LEU B 248 -5.89 -19.80 -10.12
CA LEU B 248 -6.36 -18.66 -10.93
C LEU B 248 -5.63 -18.52 -12.26
N MET B 249 -4.31 -18.73 -12.25
CA MET B 249 -3.55 -18.69 -13.45
C MET B 249 -4.13 -19.70 -14.47
N ARG B 250 -4.37 -20.92 -14.00
CA ARG B 250 -4.88 -21.95 -14.88
C ARG B 250 -6.26 -21.66 -15.39
N ALA B 251 -7.06 -21.02 -14.55
CA ALA B 251 -8.41 -20.58 -14.94
C ALA B 251 -8.34 -19.56 -16.05
N CYS B 252 -7.40 -18.64 -15.96
CA CYS B 252 -7.16 -17.64 -16.99
C CYS B 252 -6.78 -18.30 -18.32
N TRP B 253 -6.18 -19.50 -18.26
CA TRP B 253 -5.72 -20.21 -19.46
C TRP B 253 -6.66 -21.32 -19.94
N GLN B 254 -7.93 -21.22 -19.61
CA GLN B 254 -8.96 -22.13 -20.16
C GLN B 254 -8.99 -21.91 -21.69
N TRP B 255 -9.09 -22.99 -22.48
CA TRP B 255 -8.99 -22.85 -23.91
C TRP B 255 -10.18 -21.99 -24.46
N ASN B 256 -11.34 -22.26 -23.94
CA ASN B 256 -12.58 -21.56 -24.33
C ASN B 256 -12.66 -20.25 -23.56
N PRO B 257 -12.69 -19.14 -24.27
CA PRO B 257 -12.72 -17.82 -23.59
C PRO B 257 -13.88 -17.72 -22.60
N SER B 258 -15.04 -18.33 -22.90
CA SER B 258 -16.20 -18.15 -22.05
C SER B 258 -16.02 -18.86 -20.72
N ASP B 259 -15.03 -19.75 -20.63
CA ASP B 259 -14.74 -20.48 -19.40
C ASP B 259 -13.79 -19.69 -18.46
N ARG B 260 -13.09 -18.69 -18.99
CA ARG B 260 -12.18 -17.87 -18.18
C ARG B 260 -12.97 -16.99 -17.22
N PRO B 261 -12.41 -16.69 -16.05
CA PRO B 261 -13.09 -15.80 -15.09
C PRO B 261 -13.13 -14.40 -15.61
N SER B 262 -13.98 -13.57 -15.03
CA SER B 262 -14.01 -12.17 -15.37
C SER B 262 -12.96 -11.44 -14.54
N PHE B 263 -12.63 -10.21 -14.91
CA PHE B 263 -11.69 -9.43 -14.11
C PHE B 263 -12.31 -9.07 -12.77
N ALA B 264 -13.62 -8.91 -12.74
CA ALA B 264 -14.30 -8.70 -11.48
C ALA B 264 -14.05 -9.86 -10.51
N GLU B 265 -14.18 -11.09 -11.01
CA GLU B 265 -13.91 -12.24 -10.18
C GLU B 265 -12.45 -12.36 -9.78
N ILE B 266 -11.57 -12.08 -10.73
CA ILE B 266 -10.15 -12.16 -10.48
C ILE B 266 -9.76 -11.15 -9.41
N HIS B 267 -10.24 -9.93 -9.58
CA HIS B 267 -9.87 -8.88 -8.64
C HIS B 267 -10.39 -9.20 -7.22
N GLN B 268 -11.60 -9.72 -7.10
CA GLN B 268 -12.11 -10.08 -5.77
C GLN B 268 -11.27 -11.20 -5.13
N ALA B 269 -10.86 -12.20 -5.91
CA ALA B 269 -10.04 -13.27 -5.39
C ALA B 269 -8.73 -12.72 -4.87
N PHE B 270 -8.06 -11.89 -5.65
CA PHE B 270 -6.75 -11.34 -5.25
C PHE B 270 -6.93 -10.39 -4.06
N GLU B 271 -7.96 -9.59 -4.09
CA GLU B 271 -8.19 -8.65 -2.96
C GLU B 271 -8.33 -9.42 -1.66
N THR B 272 -9.09 -10.52 -1.67
CA THR B 272 -9.28 -11.34 -0.49
C THR B 272 -7.95 -11.94 -0.02
N MET B 273 -7.18 -12.53 -0.94
CA MET B 273 -5.88 -13.06 -0.59
C MET B 273 -4.96 -11.98 -0.01
N PHE B 274 -4.92 -10.81 -0.65
CA PHE B 274 -4.05 -9.74 -0.20
C PHE B 274 -4.44 -9.33 1.23
N GLN B 275 -5.74 -9.18 1.44
CA GLN B 275 -6.25 -8.72 2.77
C GLN B 275 -5.93 -9.69 3.88
N GLU B 276 -5.90 -10.98 3.56
CA GLU B 276 -5.71 -12.03 4.55
C GLU B 276 -4.23 -12.32 4.83
N SER B 277 -3.33 -11.69 4.08
CA SER B 277 -1.88 -11.90 4.16
C SER B 277 -1.03 -10.81 4.76
C10 JIN C . -9.82 6.97 15.45
C12 JIN C . -8.05 7.97 14.20
C13 JIN C . -7.20 10.24 14.80
C15 JIN C . -7.94 3.59 12.82
C16 JIN C . -8.81 3.55 11.69
C19 JIN C . -8.95 5.67 13.53
C20 JIN C . -8.02 4.67 13.71
C27 JIN C . -9.30 12.56 18.42
C30 JIN C . -8.20 15.22 18.36
C31 JIN C . -7.61 14.20 17.66
C34 JIN C . -9.90 16.05 19.89
F35 JIN C . -7.64 16.42 18.34
C29 JIN C . -9.32 14.91 19.10
C28 JIN C . -9.84 13.60 19.20
C26 JIN C . -8.15 12.90 17.70
N08 JIN C . -9.90 11.34 18.59
C04 JIN C . -9.83 10.27 17.77
N03 JIN C . -10.67 9.34 18.10
C02 JIN C . -10.72 8.21 17.35
N05 JIN C . -8.95 10.23 16.75
C06 JIN C . -8.96 9.11 15.99
N11 JIN C . -8.09 9.05 15.01
O14 JIN C . -7.23 7.99 13.29
C09 JIN C . -8.94 6.91 14.37
C01 JIN C . -9.83 8.08 16.28
C18 JIN C . -9.83 5.63 12.44
C17 JIN C . -9.79 4.57 11.51
CL4 JIN C . -11.05 6.82 12.10
CL5 JIN C . -6.93 4.70 15.12
C10 JIN D . 3.77 6.92 -19.52
C12 JIN D . 4.68 5.55 -21.21
C13 JIN D . 6.83 4.36 -20.93
C15 JIN D . 0.17 6.25 -22.41
C16 JIN D . 0.18 7.39 -23.23
C19 JIN D . 2.41 6.77 -21.59
C20 JIN D . 1.29 5.97 -21.62
C27 JIN D . 9.25 5.05 -16.85
C30 JIN D . 11.79 3.77 -17.31
C31 JIN D . 10.70 3.48 -18.13
C34 JIN D . 12.78 4.97 -15.38
F35 JIN D . 12.95 3.15 -17.52
C29 JIN D . 11.61 4.67 -16.26
C28 JIN D . 10.37 5.30 -16.03
C26 JIN D . 9.48 4.13 -17.89
N08 JIN D . 8.11 5.69 -16.53
C04 JIN D . 7.05 5.96 -17.29
N03 JIN D . 6.15 6.76 -16.75
C02 JIN D . 5.04 7.13 -17.44
N05 JIN D . 6.92 5.46 -18.54
C06 JIN D . 5.84 5.78 -19.23
N11 JIN D . 5.76 5.25 -20.48
O14 JIN D . 4.65 5.03 -22.35
C09 JIN D . 3.65 6.39 -20.81
C01 JIN D . 4.87 6.62 -18.74
C18 JIN D . 2.38 7.91 -22.39
C17 JIN D . 1.30 8.24 -23.21
CL4 JIN D . 3.73 9.03 -22.39
CL5 JIN D . 1.19 4.53 -20.64
#